data_5CGX
#
_entry.id   5CGX
#
_cell.length_a   54.524
_cell.length_b   56.588
_cell.length_c   55.485
_cell.angle_alpha   90.000
_cell.angle_beta   99.230
_cell.angle_gamma   90.000
#
_symmetry.space_group_name_H-M   'P 1 21 1'
#
loop_
_entity.id
_entity.type
_entity.pdbx_description
1 polymer Beta-lactamase
2 non-polymer '(2R)-2-{(1S)-1-methoxy-2-oxo-1-[(thiophen-2-ylacetyl)amino]ethyl}-5-methylidene-5,6-dihydro-2H-1,3-thiazine-4-carboxylic acid'
3 non-polymer 'ZINC ION'
4 non-polymer 'SODIUM ION'
5 water water
#
_entity_poly.entity_id   1
_entity_poly.type   'polypeptide(L)'
_entity_poly.pdbx_seq_one_letter_code
;GHMSGEAPLTATVDGIIQPMLKAYRIPGMAVAVLKDGKAHYFNYGVANRESGQRVSEQTLFEIGSVSKTLTATLGAYAAV
KGGFELDDKVSQHAPWLKGSAFDGVTMAELATYSAGGLPLQFPDEVDSNDKMQTYYRSWSPVYPAGTHRQFSNPSIGLFG
HLAANSLGQPFEQLMSQTLLPKLGLHHTYIQVPESAMANYAYGYSKEDKPIRATPGVLAAEAYGIKTGSADLLKFVEANM
GYQGDAALKSAIALTHTGFHSVGEMTQGLGWESYDYPVTEQVLLAGNSPAVSFQANPVTRFAVPKAMGEQRLYNKTGSTG
GFGAYVAFVPARGIAIVMLANRNYPIEARVKAAHAILSQLAE
;
_entity_poly.pdbx_strand_id   A
#
loop_
_chem_comp.id
_chem_comp.type
_chem_comp.name
_chem_comp.formula
1S7 non-polymer '(2R)-2-{(1S)-1-methoxy-2-oxo-1-[(thiophen-2-ylacetyl)amino]ethyl}-5-methylidene-5,6-dihydro-2H-1,3-thiazine-4-carboxylic acid' 'C15 H16 N2 O5 S2'
NA non-polymer 'SODIUM ION' 'Na 1'
ZN non-polymer 'ZINC ION' 'Zn 2'
#
# COMPACT_ATOMS: atom_id res chain seq x y z
N GLY A 1 7.76 -21.92 -18.79
CA GLY A 1 8.78 -21.84 -19.87
C GLY A 1 10.02 -21.09 -19.42
N HIS A 2 11.18 -21.56 -19.83
CA HIS A 2 12.45 -21.03 -19.31
C HIS A 2 13.18 -20.14 -20.33
N MET A 3 12.42 -19.53 -21.22
CA MET A 3 12.92 -18.61 -22.24
C MET A 3 12.29 -17.26 -21.95
N SER A 4 12.96 -16.19 -22.37
CA SER A 4 12.45 -14.86 -22.19
C SER A 4 12.16 -14.24 -23.55
N GLY A 5 11.38 -13.16 -23.50
CA GLY A 5 11.04 -12.39 -24.68
C GLY A 5 9.60 -11.94 -24.73
N GLU A 6 9.25 -11.10 -25.69
CA GLU A 6 7.88 -10.61 -25.78
C GLU A 6 6.89 -11.74 -25.96
N ALA A 7 7.28 -12.77 -26.71
CA ALA A 7 6.35 -13.87 -26.95
C ALA A 7 6.05 -14.69 -25.68
N PRO A 8 7.07 -15.17 -25.00
CA PRO A 8 6.74 -15.93 -23.77
C PRO A 8 6.08 -15.07 -22.71
N LEU A 9 6.48 -13.81 -22.62
CA LEU A 9 5.88 -12.93 -21.61
C LEU A 9 4.40 -12.73 -21.85
N THR A 10 4.14 -12.44 -23.12
CA THR A 10 2.62 -12.27 -23.33
CA THR A 10 2.62 -12.16 -23.31
C THR A 10 1.69 -13.58 -23.17
N ALA A 11 2.36 -14.70 -23.58
CA ALA A 11 1.73 -15.99 -23.40
C ALA A 11 1.46 -16.21 -21.90
N THR A 12 2.44 -15.88 -21.05
CA THR A 12 2.32 -16.09 -19.62
C THR A 12 1.28 -15.14 -19.04
N VAL A 13 1.42 -13.84 -19.27
CA VAL A 13 0.50 -12.89 -18.61
C VAL A 13 -0.95 -13.12 -19.05
N ASP A 14 -1.17 -13.18 -20.35
CA ASP A 14 -2.55 -13.41 -20.83
C ASP A 14 -3.02 -14.76 -20.32
N GLY A 15 -2.17 -15.77 -20.36
CA GLY A 15 -2.57 -17.09 -19.90
C GLY A 15 -2.92 -17.21 -18.43
N ILE A 16 -2.34 -16.34 -17.58
CA ILE A 16 -2.57 -16.34 -16.16
C ILE A 16 -3.77 -15.44 -15.89
N ILE A 17 -3.80 -14.27 -16.50
CA ILE A 17 -4.82 -13.31 -16.13
C ILE A 17 -6.18 -13.66 -16.72
N GLN A 18 -6.25 -14.05 -17.97
CA GLN A 18 -7.56 -14.20 -18.61
C GLN A 18 -8.45 -15.21 -17.90
N PRO A 19 -7.92 -16.39 -17.52
CA PRO A 19 -8.74 -17.34 -16.77
C PRO A 19 -9.22 -16.83 -15.41
N MET A 20 -8.40 -15.99 -14.80
CA MET A 20 -8.71 -15.48 -13.49
C MET A 20 -9.84 -14.48 -13.54
N LEU A 21 -9.83 -13.66 -14.57
CA LEU A 21 -10.92 -12.69 -14.76
C LEU A 21 -12.26 -13.41 -14.95
N LYS A 22 -12.25 -14.53 -15.67
CA LYS A 22 -13.47 -15.33 -15.86
C LYS A 22 -13.91 -15.96 -14.53
N ALA A 23 -12.94 -16.57 -13.84
CA ALA A 23 -13.25 -17.30 -12.62
C ALA A 23 -13.86 -16.41 -11.56
N TYR A 24 -13.38 -15.18 -11.43
CA TYR A 24 -13.95 -14.29 -10.41
C TYR A 24 -14.88 -13.19 -10.94
N ARG A 25 -15.24 -13.28 -12.21
CA ARG A 25 -16.08 -12.28 -12.86
C ARG A 25 -15.58 -10.86 -12.63
N ILE A 26 -14.30 -10.65 -12.92
CA ILE A 26 -13.69 -9.35 -12.68
C ILE A 26 -13.99 -8.48 -13.90
N PRO A 27 -14.69 -7.34 -13.72
CA PRO A 27 -15.02 -6.61 -14.94
C PRO A 27 -13.83 -6.08 -15.75
N GLY A 28 -12.86 -5.55 -15.03
CA GLY A 28 -11.69 -5.01 -15.70
C GLY A 28 -10.44 -5.09 -14.84
N MET A 29 -9.29 -5.18 -15.49
CA MET A 29 -7.99 -5.21 -14.80
C MET A 29 -6.94 -4.53 -15.64
N ALA A 30 -6.12 -3.67 -14.99
CA ALA A 30 -4.92 -3.14 -15.59
C ALA A 30 -3.72 -3.79 -14.95
N VAL A 31 -2.79 -4.29 -15.78
CA VAL A 31 -1.60 -4.99 -15.30
C VAL A 31 -0.39 -4.28 -15.90
N ALA A 32 0.66 -4.09 -15.12
CA ALA A 32 1.90 -3.60 -15.68
C ALA A 32 3.02 -4.32 -15.00
N VAL A 33 4.09 -4.61 -15.74
CA VAL A 33 5.24 -5.33 -15.23
C VAL A 33 6.51 -4.63 -15.60
N LEU A 34 7.53 -4.85 -14.79
CA LEU A 34 8.91 -4.59 -15.19
C LEU A 34 9.70 -5.86 -15.37
N LYS A 35 10.51 -5.87 -16.45
CA LYS A 35 11.48 -6.93 -16.71
C LYS A 35 12.76 -6.22 -17.10
N ASP A 36 13.85 -6.54 -16.42
CA ASP A 36 15.11 -5.84 -16.65
C ASP A 36 14.90 -4.34 -16.58
N GLY A 37 13.99 -3.90 -15.72
CA GLY A 37 13.70 -2.50 -15.61
C GLY A 37 12.90 -1.89 -16.74
N LYS A 38 12.38 -2.69 -17.66
CA LYS A 38 11.60 -2.14 -18.79
C LYS A 38 10.14 -2.54 -18.60
N ALA A 39 9.22 -1.68 -19.02
CA ALA A 39 7.80 -1.80 -18.68
C ALA A 39 6.96 -2.39 -19.81
N HIS A 40 6.03 -3.27 -19.45
CA HIS A 40 5.07 -3.86 -20.38
C HIS A 40 3.69 -3.74 -19.73
N TYR A 41 2.67 -3.51 -20.55
CA TYR A 41 1.32 -3.15 -20.07
C TYR A 41 0.31 -4.09 -20.71
N PHE A 42 -0.66 -4.52 -19.92
CA PHE A 42 -1.73 -5.42 -20.38
C PHE A 42 -3.02 -4.91 -19.75
N ASN A 43 -4.04 -4.69 -20.57
CA ASN A 43 -5.30 -4.19 -20.08
C ASN A 43 -6.37 -5.16 -20.51
N TYR A 44 -7.35 -5.35 -19.61
CA TYR A 44 -8.43 -6.30 -19.88
C TYR A 44 -9.77 -5.72 -19.45
N GLY A 45 -10.81 -5.96 -20.23
CA GLY A 45 -12.15 -5.68 -19.75
C GLY A 45 -12.50 -4.22 -19.65
N VAL A 46 -13.41 -3.94 -18.72
CA VAL A 46 -14.11 -2.66 -18.67
C VAL A 46 -14.00 -1.98 -17.30
N ALA A 47 -13.85 -0.65 -17.35
CA ALA A 47 -13.81 0.20 -16.17
C ALA A 47 -15.20 0.47 -15.65
N ASN A 48 -16.18 0.44 -16.54
CA ASN A 48 -17.54 0.82 -16.23
C ASN A 48 -18.40 -0.16 -17.02
N ARG A 49 -19.09 -1.04 -16.32
CA ARG A 49 -19.83 -2.15 -16.93
C ARG A 49 -21.04 -1.68 -17.73
N GLU A 50 -21.64 -0.57 -17.31
CA GLU A 50 -22.85 -0.06 -17.97
C GLU A 50 -22.49 0.61 -19.29
N SER A 51 -21.44 1.44 -19.28
CA SER A 51 -21.00 2.17 -20.46
C SER A 51 -20.09 1.36 -21.38
N GLY A 52 -19.44 0.33 -20.83
CA GLY A 52 -18.48 -0.47 -21.59
C GLY A 52 -17.15 0.21 -21.79
N GLN A 53 -16.91 1.34 -21.13
CA GLN A 53 -15.61 2.00 -21.24
C GLN A 53 -14.49 0.99 -20.92
N ARG A 54 -13.51 0.87 -21.81
CA ARG A 54 -12.44 -0.12 -21.63
C ARG A 54 -11.41 0.33 -20.63
N VAL A 55 -10.87 -0.61 -19.87
CA VAL A 55 -9.73 -0.33 -19.02
C VAL A 55 -8.52 0.00 -19.88
N SER A 56 -7.76 1.01 -19.43
CA SER A 56 -6.42 1.26 -19.96
C SER A 56 -5.50 1.50 -18.78
N GLU A 57 -4.25 1.76 -19.09
CA GLU A 57 -3.25 2.09 -18.07
C GLU A 57 -3.52 3.45 -17.45
N GLN A 58 -4.49 4.20 -17.94
CA GLN A 58 -4.96 5.47 -17.36
C GLN A 58 -6.18 5.32 -16.47
N THR A 59 -6.86 4.20 -16.55
CA THR A 59 -8.05 4.04 -15.72
C THR A 59 -7.64 4.19 -14.24
N LEU A 60 -8.45 4.96 -13.49
CA LEU A 60 -8.19 5.06 -12.07
C LEU A 60 -8.93 3.96 -11.30
N PHE A 61 -8.17 3.24 -10.49
CA PHE A 61 -8.68 2.24 -9.57
C PHE A 61 -8.37 2.64 -8.14
N GLU A 62 -9.31 2.36 -7.22
CA GLU A 62 -8.99 2.43 -5.81
C GLU A 62 -7.96 1.34 -5.50
N ILE A 63 -6.94 1.69 -4.77
CA ILE A 63 -5.94 0.71 -4.40
C ILE A 63 -5.95 0.33 -2.91
N GLY A 64 -6.91 0.84 -2.13
CA GLY A 64 -7.11 0.39 -0.78
C GLY A 64 -5.83 0.51 0.02
N SER A 65 -5.47 -0.58 0.70
CA SER A 65 -4.34 -0.53 1.59
C SER A 65 -3.00 -0.34 0.88
N VAL A 66 -2.93 -0.45 -0.46
CA VAL A 66 -1.71 -0.06 -1.16
C VAL A 66 -1.45 1.45 -0.97
N SER A 67 -2.52 2.23 -0.67
CA SER A 67 -2.35 3.65 -0.37
C SER A 67 -1.38 3.86 0.77
N LYS A 68 -1.34 2.89 1.72
CA LYS A 68 -0.54 3.00 2.91
C LYS A 68 0.94 3.01 2.58
N THR A 69 1.35 2.56 1.39
CA THR A 69 2.76 2.63 0.98
C THR A 69 3.09 4.08 0.64
N LEU A 70 2.11 4.84 0.06
CA LEU A 70 2.30 6.25 -0.18
C LEU A 70 2.25 7.06 1.11
N THR A 71 1.29 6.75 1.98
CA THR A 71 1.23 7.35 3.33
C THR A 71 2.54 7.18 4.10
N ALA A 72 3.09 5.97 4.03
CA ALA A 72 4.36 5.67 4.70
C ALA A 72 5.52 6.42 4.12
N THR A 73 5.54 6.59 2.80
CA THR A 73 6.55 7.38 2.09
C THR A 73 6.50 8.87 2.50
N LEU A 74 5.28 9.40 2.61
CA LEU A 74 5.07 10.76 3.07
C LEU A 74 5.55 10.90 4.50
N GLY A 75 5.27 9.91 5.35
CA GLY A 75 5.72 9.95 6.74
C GLY A 75 7.24 9.92 6.81
N ALA A 76 7.86 9.06 6.00
CA ALA A 76 9.31 8.99 5.91
C ALA A 76 9.91 10.31 5.45
N TYR A 77 9.26 10.98 4.49
CA TYR A 77 9.75 12.24 3.99
C TYR A 77 9.74 13.27 5.09
N ALA A 78 8.65 13.30 5.87
CA ALA A 78 8.58 14.24 6.97
C ALA A 78 9.64 13.97 8.02
N ALA A 79 9.97 12.71 8.25
CA ALA A 79 11.04 12.38 9.20
C ALA A 79 12.39 12.87 8.63
N VAL A 80 12.64 12.65 7.35
CA VAL A 80 13.88 13.10 6.74
C VAL A 80 14.00 14.63 6.80
N LYS A 81 12.88 15.34 6.65
CA LYS A 81 12.87 16.79 6.75
C LYS A 81 12.93 17.33 8.18
N GLY A 82 12.90 16.43 9.17
CA GLY A 82 13.10 16.85 10.54
C GLY A 82 11.82 17.07 11.33
N GLY A 83 10.67 16.68 10.81
CA GLY A 83 9.44 16.90 11.53
C GLY A 83 9.32 16.01 12.77
N PHE A 84 9.92 14.83 12.71
CA PHE A 84 9.89 13.89 13.85
C PHE A 84 10.92 12.84 13.63
N GLU A 85 11.23 12.09 14.69
CA GLU A 85 12.14 10.97 14.65
C GLU A 85 11.33 9.70 14.97
N LEU A 86 11.71 8.58 14.39
CA LEU A 86 10.92 7.35 14.49
C LEU A 86 10.80 6.83 15.93
N ASP A 87 11.83 7.07 16.75
CA ASP A 87 11.81 6.66 18.14
C ASP A 87 11.09 7.63 19.06
N ASP A 88 10.64 8.75 18.54
CA ASP A 88 9.87 9.73 19.32
C ASP A 88 8.59 9.11 19.84
N LYS A 89 8.16 9.40 21.06
CA LYS A 89 6.79 9.07 21.50
C LYS A 89 5.77 9.81 20.69
N VAL A 90 4.67 9.14 20.42
CA VAL A 90 3.61 9.72 19.60
C VAL A 90 3.11 11.03 20.22
N SER A 91 3.01 11.09 21.55
CA SER A 91 2.50 12.31 22.17
C SER A 91 3.47 13.48 22.15
N GLN A 92 4.72 13.23 21.73
CA GLN A 92 5.65 14.35 21.50
C GLN A 92 5.20 15.12 20.27
N HIS A 93 4.33 14.53 19.44
CA HIS A 93 3.88 15.16 18.20
C HIS A 93 2.36 15.34 18.16
N ALA A 94 1.72 15.31 19.33
CA ALA A 94 0.28 15.49 19.46
C ALA A 94 0.02 15.88 20.91
N PRO A 95 0.01 17.18 21.19
CA PRO A 95 -0.17 17.64 22.56
C PRO A 95 -1.44 17.14 23.22
N TRP A 96 -2.47 16.91 22.40
CA TRP A 96 -3.73 16.38 22.88
C TRP A 96 -3.66 14.90 23.29
N LEU A 97 -2.55 14.25 22.97
CA LEU A 97 -2.31 12.87 23.42
C LEU A 97 -1.39 12.77 24.64
N LYS A 98 -0.85 13.88 25.17
CA LYS A 98 -0.11 13.81 26.44
C LYS A 98 -1.01 13.31 27.52
N GLY A 99 -0.52 12.38 28.35
CA GLY A 99 -1.32 11.81 29.41
C GLY A 99 -2.25 10.68 28.96
N SER A 100 -1.97 10.16 27.77
CA SER A 100 -2.67 9.03 27.23
C SER A 100 -1.71 7.86 27.04
N ALA A 101 -2.24 6.76 26.56
CA ALA A 101 -1.40 5.61 26.30
C ALA A 101 -0.31 5.92 25.27
N PHE A 102 -0.56 6.93 24.42
CA PHE A 102 0.41 7.30 23.39
C PHE A 102 1.65 8.01 23.93
N ASP A 103 1.72 8.21 25.23
CA ASP A 103 2.99 8.53 25.87
C ASP A 103 3.98 7.37 25.81
N GLY A 104 3.48 6.15 25.58
CA GLY A 104 4.29 4.95 25.65
C GLY A 104 4.40 4.20 24.32
N VAL A 105 4.05 4.86 23.22
CA VAL A 105 4.10 4.30 21.86
C VAL A 105 4.96 5.18 20.98
N THR A 106 5.89 4.60 20.20
CA THR A 106 6.74 5.39 19.31
C THR A 106 6.07 5.63 17.96
N MET A 107 6.57 6.62 17.24
CA MET A 107 6.09 6.87 15.88
C MET A 107 6.29 5.62 14.99
N ALA A 108 7.41 4.99 15.15
CA ALA A 108 7.71 3.74 14.39
C ALA A 108 6.69 2.64 14.68
N GLU A 109 6.34 2.46 15.96
CA GLU A 109 5.35 1.44 16.33
C GLU A 109 3.98 1.74 15.74
N LEU A 110 3.60 3.02 15.76
CA LEU A 110 2.36 3.40 15.15
C LEU A 110 2.36 3.09 13.62
N ALA A 111 3.45 3.41 12.92
CA ALA A 111 3.58 3.19 11.49
C ALA A 111 3.58 1.71 11.14
N THR A 112 4.08 0.83 12.03
CA THR A 112 4.27 -0.59 11.74
C THR A 112 3.27 -1.50 12.48
N TYR A 113 2.22 -0.91 12.97
CA TYR A 113 1.07 -1.67 13.52
C TYR A 113 1.33 -2.41 14.83
N SER A 114 2.37 -1.93 15.54
CA SER A 114 2.79 -2.59 16.73
C SER A 114 2.56 -1.79 18.03
N ALA A 115 1.69 -0.79 17.96
CA ALA A 115 1.39 0.05 19.12
C ALA A 115 0.71 -0.66 20.27
N GLY A 116 0.00 -1.75 19.99
CA GLY A 116 -0.56 -2.58 21.06
C GLY A 116 -2.03 -2.93 20.82
N GLY A 117 -2.42 -3.24 19.59
CA GLY A 117 -3.76 -3.72 19.31
C GLY A 117 -4.79 -2.68 18.90
N LEU A 118 -4.37 -1.53 18.36
CA LEU A 118 -5.29 -0.70 17.61
C LEU A 118 -5.99 -1.59 16.57
N PRO A 119 -7.29 -1.38 16.35
CA PRO A 119 -8.06 -2.34 15.57
C PRO A 119 -7.89 -2.10 14.05
N LEU A 120 -8.41 -3.02 13.25
CA LEU A 120 -8.40 -2.93 11.82
C LEU A 120 -9.05 -1.62 11.32
N GLN A 121 -10.22 -1.33 11.89
CA GLN A 121 -11.00 -0.16 11.50
C GLN A 121 -11.42 0.63 12.75
N PHE A 122 -11.64 1.92 12.58
CA PHE A 122 -12.26 2.70 13.66
C PHE A 122 -13.62 2.09 14.00
N PRO A 123 -13.98 2.10 15.27
CA PRO A 123 -15.40 1.80 15.57
C PRO A 123 -16.34 2.68 14.76
N ASP A 124 -17.51 2.14 14.42
CA ASP A 124 -18.44 2.83 13.52
C ASP A 124 -18.81 4.28 13.90
N GLU A 125 -18.97 4.60 15.18
CA GLU A 125 -19.36 5.98 15.49
C GLU A 125 -18.19 6.88 15.83
N VAL A 126 -16.96 6.43 15.56
CA VAL A 126 -15.84 7.36 15.54
C VAL A 126 -15.78 7.92 14.13
N ASP A 127 -16.62 8.92 13.87
CA ASP A 127 -16.86 9.43 12.51
C ASP A 127 -16.78 10.95 12.36
N SER A 128 -16.01 11.58 13.24
CA SER A 128 -15.65 13.01 13.12
C SER A 128 -14.25 13.19 13.71
N ASN A 129 -13.73 14.36 13.39
CA ASN A 129 -12.32 14.64 14.07
CA ASN A 129 -12.27 14.60 13.96
C ASN A 129 -12.30 14.73 15.65
N ASP A 130 -13.40 15.36 16.13
CA ASP A 130 -13.52 15.48 17.57
C ASP A 130 -13.64 14.11 18.20
N LYS A 131 -14.47 13.25 17.60
CA LYS A 131 -14.65 11.91 18.11
C LYS A 131 -13.35 11.11 17.98
N MET A 132 -12.62 11.37 16.91
CA MET A 132 -11.35 10.70 16.68
C MET A 132 -10.38 11.05 17.81
N GLN A 133 -10.26 12.32 18.15
CA GLN A 133 -9.36 12.66 19.23
C GLN A 133 -9.75 11.98 20.50
N THR A 134 -11.05 12.03 20.84
CA THR A 134 -11.51 11.36 22.06
C THR A 134 -11.14 9.88 22.03
N TYR A 135 -11.31 9.28 20.87
CA TYR A 135 -11.03 7.85 20.68
C TYR A 135 -9.57 7.52 21.07
N TYR A 136 -8.62 8.26 20.49
CA TYR A 136 -7.22 7.96 20.80
C TYR A 136 -6.83 8.33 22.25
N ARG A 137 -7.41 9.44 22.75
CA ARG A 137 -7.10 9.85 24.11
C ARG A 137 -7.56 8.83 25.14
N SER A 138 -8.60 8.06 24.78
CA SER A 138 -9.24 7.15 25.73
CA SER A 138 -9.23 7.15 25.72
C SER A 138 -8.82 5.71 25.48
N TRP A 139 -8.02 5.49 24.45
CA TRP A 139 -7.67 4.13 24.06
C TRP A 139 -6.85 3.35 25.07
N SER A 140 -7.25 2.11 25.26
CA SER A 140 -6.56 1.26 26.23
C SER A 140 -5.82 0.15 25.48
N PRO A 141 -4.51 0.07 25.61
CA PRO A 141 -3.74 -0.96 24.92
C PRO A 141 -4.13 -2.40 25.25
N VAL A 142 -4.26 -3.22 24.21
CA VAL A 142 -4.53 -4.63 24.33
C VAL A 142 -3.25 -5.43 24.59
N TYR A 143 -2.15 -5.02 23.99
CA TYR A 143 -0.85 -5.66 24.18
C TYR A 143 0.20 -4.59 24.51
N PRO A 144 1.31 -4.99 25.14
CA PRO A 144 2.40 -4.03 25.36
C PRO A 144 2.97 -3.57 24.01
N ALA A 145 3.42 -2.33 24.01
CA ALA A 145 3.93 -1.70 22.78
C ALA A 145 5.10 -2.48 22.21
N GLY A 146 5.07 -2.66 20.90
CA GLY A 146 6.16 -3.31 20.19
C GLY A 146 6.11 -4.84 20.15
N THR A 147 5.17 -5.46 20.86
CA THR A 147 5.18 -6.90 20.95
C THR A 147 4.31 -7.63 19.93
N HIS A 148 3.26 -6.96 19.42
CA HIS A 148 2.26 -7.60 18.60
C HIS A 148 2.00 -6.73 17.39
N ARG A 149 1.77 -7.37 16.25
CA ARG A 149 1.38 -6.69 15.03
C ARG A 149 -0.08 -6.96 14.80
N GLN A 150 -0.85 -5.88 14.66
CA GLN A 150 -2.25 -5.95 14.33
C GLN A 150 -2.51 -4.87 13.27
N PHE A 151 -2.73 -5.30 12.01
CA PHE A 151 -2.91 -4.37 10.91
C PHE A 151 -4.09 -3.49 11.24
N SER A 152 -3.90 -2.17 10.99
CA SER A 152 -4.82 -1.18 11.58
C SER A 152 -4.82 0.14 10.84
N ASN A 153 -6.02 0.54 10.42
CA ASN A 153 -6.23 1.88 9.83
C ASN A 153 -5.95 2.99 10.82
N PRO A 154 -6.57 2.92 12.02
CA PRO A 154 -6.24 3.92 13.05
C PRO A 154 -4.73 4.09 13.28
N SER A 155 -3.95 3.00 13.24
CA SER A 155 -2.54 3.09 13.56
C SER A 155 -1.77 3.85 12.45
N ILE A 156 -1.81 3.33 11.21
CA ILE A 156 -1.07 3.99 10.14
C ILE A 156 -1.70 5.33 9.76
N GLY A 157 -3.02 5.47 9.98
CA GLY A 157 -3.72 6.68 9.72
C GLY A 157 -3.19 7.81 10.60
N LEU A 158 -3.08 7.53 11.91
CA LEU A 158 -2.59 8.56 12.82
C LEU A 158 -1.13 8.89 12.47
N PHE A 159 -0.33 7.87 12.12
CA PHE A 159 1.04 8.13 11.71
C PHE A 159 1.13 9.16 10.57
N GLY A 160 0.35 8.92 9.52
CA GLY A 160 0.36 9.84 8.37
C GLY A 160 -0.15 11.23 8.72
N HIS A 161 -1.20 11.26 9.54
CA HIS A 161 -1.78 12.53 9.98
C HIS A 161 -0.78 13.36 10.77
N LEU A 162 -0.14 12.73 11.76
CA LEU A 162 0.82 13.45 12.61
C LEU A 162 2.08 13.81 11.83
N ALA A 163 2.51 12.92 10.94
CA ALA A 163 3.70 13.21 10.13
C ALA A 163 3.47 14.46 9.30
N ALA A 164 2.31 14.55 8.68
CA ALA A 164 1.98 15.76 7.93
C ALA A 164 1.92 16.96 8.84
N ASN A 165 1.25 16.82 9.97
CA ASN A 165 1.14 17.93 10.93
C ASN A 165 2.51 18.43 11.42
N SER A 166 3.49 17.54 11.47
CA SER A 166 4.83 17.89 11.93
C SER A 166 5.48 18.87 10.98
N LEU A 167 5.02 18.92 9.71
CA LEU A 167 5.52 19.91 8.74
C LEU A 167 4.55 21.07 8.56
N GLY A 168 3.48 21.11 9.35
CA GLY A 168 2.56 22.22 9.30
C GLY A 168 1.63 22.30 8.12
N GLN A 169 1.25 21.15 7.60
CA GLN A 169 0.36 21.12 6.46
C GLN A 169 -0.54 19.92 6.59
N PRO A 170 -1.76 20.04 6.09
CA PRO A 170 -2.65 18.87 6.09
C PRO A 170 -2.07 17.75 5.22
N PHE A 171 -2.38 16.50 5.57
CA PHE A 171 -1.91 15.35 4.83
C PHE A 171 -2.24 15.41 3.33
N GLU A 172 -3.48 15.74 2.97
CA GLU A 172 -3.88 15.73 1.55
C GLU A 172 -3.14 16.78 0.76
N GLN A 173 -2.85 17.92 1.38
CA GLN A 173 -2.08 18.93 0.73
C GLN A 173 -0.62 18.51 0.52
N LEU A 174 -0.01 17.97 1.56
CA LEU A 174 1.37 17.53 1.43
C LEU A 174 1.47 16.43 0.34
N MET A 175 0.50 15.53 0.30
CA MET A 175 0.50 14.47 -0.71
C MET A 175 0.38 15.02 -2.10
N SER A 176 -0.59 15.90 -2.31
CA SER A 176 -0.90 16.37 -3.64
C SER A 176 0.00 17.48 -4.17
N GLN A 177 0.56 18.30 -3.30
CA GLN A 177 1.34 19.47 -3.71
C GLN A 177 2.84 19.20 -3.63
N THR A 178 3.26 18.19 -2.87
CA THR A 178 4.67 17.87 -2.73
C THR A 178 5.01 16.42 -3.11
N LEU A 179 4.44 15.43 -2.44
CA LEU A 179 4.95 14.05 -2.58
C LEU A 179 4.67 13.53 -3.99
N LEU A 180 3.45 13.70 -4.44
CA LEU A 180 3.10 13.17 -5.76
C LEU A 180 3.80 13.91 -6.90
N PRO A 181 3.91 15.24 -6.86
CA PRO A 181 4.65 15.88 -7.94
C PRO A 181 6.13 15.52 -7.94
N LYS A 182 6.76 15.40 -6.78
CA LYS A 182 8.16 15.05 -6.75
C LYS A 182 8.41 13.64 -7.24
N LEU A 183 7.49 12.71 -7.01
CA LEU A 183 7.53 11.38 -7.54
C LEU A 183 7.15 11.32 -9.02
N GLY A 184 6.66 12.40 -9.58
CA GLY A 184 6.18 12.44 -10.96
C GLY A 184 4.91 11.63 -11.19
N LEU A 185 4.03 11.60 -10.20
CA LEU A 185 2.78 10.86 -10.27
C LEU A 185 1.67 11.90 -10.52
N HIS A 186 1.43 12.20 -11.78
CA HIS A 186 0.55 13.29 -12.19
C HIS A 186 -0.91 12.90 -12.40
N HIS A 187 -1.19 11.62 -12.32
CA HIS A 187 -2.54 11.10 -12.50
C HIS A 187 -2.89 10.20 -11.33
N THR A 188 -2.51 10.67 -10.16
CA THR A 188 -2.74 9.92 -8.91
C THR A 188 -3.38 10.89 -7.94
N TYR A 189 -4.41 10.48 -7.29
CA TYR A 189 -5.25 11.38 -6.48
C TYR A 189 -5.79 10.77 -5.20
N ILE A 190 -5.99 11.64 -4.21
CA ILE A 190 -6.88 11.31 -3.08
C ILE A 190 -8.28 11.82 -3.40
N GLN A 191 -8.40 13.07 -3.82
CA GLN A 191 -9.68 13.57 -4.31
C GLN A 191 -9.53 13.68 -5.81
N VAL A 192 -10.27 12.86 -6.53
CA VAL A 192 -10.18 12.89 -7.99
C VAL A 192 -10.83 14.17 -8.51
N PRO A 193 -10.09 14.99 -9.29
CA PRO A 193 -10.63 16.25 -9.83
C PRO A 193 -11.68 15.98 -10.91
N GLU A 194 -12.58 16.93 -11.11
CA GLU A 194 -13.63 16.75 -12.10
CA GLU A 194 -13.63 16.74 -12.10
C GLU A 194 -13.04 16.39 -13.46
N SER A 195 -11.91 17.00 -13.80
CA SER A 195 -11.26 16.73 -15.09
C SER A 195 -10.82 15.27 -15.30
N ALA A 196 -10.65 14.52 -14.22
CA ALA A 196 -10.14 13.15 -14.27
C ALA A 196 -11.25 12.13 -14.02
N MET A 197 -12.45 12.59 -13.69
CA MET A 197 -13.52 11.69 -13.29
C MET A 197 -13.92 10.71 -14.39
N ALA A 198 -13.78 11.11 -15.66
CA ALA A 198 -14.10 10.19 -16.75
C ALA A 198 -13.22 8.94 -16.75
N ASN A 199 -12.04 9.01 -16.10
CA ASN A 199 -11.11 7.87 -16.07
C ASN A 199 -11.31 7.03 -14.85
N TYR A 200 -12.15 7.44 -13.91
CA TYR A 200 -12.31 6.72 -12.64
C TYR A 200 -13.28 5.57 -12.91
N ALA A 201 -12.77 4.37 -12.70
CA ALA A 201 -13.57 3.15 -12.83
C ALA A 201 -14.66 3.19 -11.73
N TYR A 202 -15.65 2.34 -11.94
CA TYR A 202 -16.53 1.98 -10.85
C TYR A 202 -16.04 0.66 -10.33
N GLY A 203 -16.13 0.51 -9.02
CA GLY A 203 -15.93 -0.76 -8.38
C GLY A 203 -17.22 -1.54 -8.45
N TYR A 204 -17.13 -2.86 -8.32
CA TYR A 204 -18.29 -3.76 -8.32
C TYR A 204 -18.25 -4.61 -7.05
N SER A 205 -19.26 -4.39 -6.21
CA SER A 205 -19.23 -4.90 -4.83
C SER A 205 -19.50 -6.39 -4.81
N LYS A 206 -19.40 -7.00 -3.63
CA LYS A 206 -19.70 -8.41 -3.51
C LYS A 206 -21.16 -8.74 -3.87
N GLU A 207 -22.04 -7.73 -3.87
CA GLU A 207 -23.44 -7.89 -4.35
C GLU A 207 -23.60 -7.50 -5.82
N ASP A 208 -22.48 -7.13 -6.46
CA ASP A 208 -22.41 -6.91 -7.91
C ASP A 208 -23.02 -5.60 -8.35
N LYS A 209 -22.91 -4.61 -7.48
CA LYS A 209 -23.40 -3.28 -7.77
C LYS A 209 -22.27 -2.28 -7.79
N PRO A 210 -22.46 -1.18 -8.50
CA PRO A 210 -21.39 -0.19 -8.57
C PRO A 210 -21.16 0.50 -7.25
N ILE A 211 -19.90 0.72 -6.95
CA ILE A 211 -19.51 1.28 -5.68
C ILE A 211 -18.20 1.95 -5.77
N ARG A 212 -18.00 2.97 -4.98
CA ARG A 212 -16.74 3.64 -4.79
C ARG A 212 -16.55 3.94 -3.29
N ALA A 213 -15.33 4.16 -2.87
CA ALA A 213 -15.01 4.52 -1.52
C ALA A 213 -15.62 5.86 -1.11
N THR A 214 -15.92 5.97 0.18
CA THR A 214 -16.51 7.19 0.70
C THR A 214 -15.53 7.84 1.69
N PRO A 215 -15.75 9.12 1.99
CA PRO A 215 -14.98 9.81 3.01
C PRO A 215 -15.12 9.10 4.33
N GLY A 216 -14.10 9.24 5.16
CA GLY A 216 -14.09 8.63 6.48
C GLY A 216 -12.95 9.24 7.28
N VAL A 217 -12.92 8.93 8.57
CA VAL A 217 -11.91 9.47 9.46
C VAL A 217 -10.59 8.84 9.01
N LEU A 218 -9.62 9.68 8.72
CA LEU A 218 -8.32 9.26 8.22
C LEU A 218 -8.37 8.36 6.98
N ALA A 219 -9.42 8.53 6.20
CA ALA A 219 -9.55 7.78 4.94
C ALA A 219 -8.45 8.11 3.94
N ALA A 220 -8.05 9.37 3.93
CA ALA A 220 -6.98 9.76 3.00
C ALA A 220 -5.72 8.96 3.27
N GLU A 221 -5.35 8.89 4.54
CA GLU A 221 -4.14 8.21 4.98
C GLU A 221 -4.22 6.69 4.83
N ALA A 222 -5.38 6.13 5.15
CA ALA A 222 -5.53 4.70 5.19
C ALA A 222 -5.87 4.03 3.83
N TYR A 223 -6.63 4.71 2.98
CA TYR A 223 -7.09 4.12 1.74
C TYR A 223 -7.47 5.16 0.69
N GLY A 224 -6.80 6.30 0.73
CA GLY A 224 -7.20 7.43 -0.09
C GLY A 224 -6.90 7.42 -1.58
N ILE A 225 -5.98 6.57 -2.04
CA ILE A 225 -5.46 6.75 -3.38
C ILE A 225 -6.24 6.06 -4.47
N LYS A 226 -6.47 6.83 -5.54
CA LYS A 226 -6.95 6.34 -6.83
C LYS A 226 -5.85 6.55 -7.86
N THR A 227 -5.50 5.51 -8.61
CA THR A 227 -4.42 5.62 -9.58
C THR A 227 -4.60 4.52 -10.58
N GLY A 228 -3.84 4.70 -11.68
CA GLY A 228 -3.77 3.70 -12.75
C GLY A 228 -2.50 2.90 -12.73
N SER A 229 -2.45 1.89 -13.60
CA SER A 229 -1.28 1.06 -13.63
C SER A 229 -0.03 1.79 -14.03
N ALA A 230 -0.11 2.74 -14.92
CA ALA A 230 1.11 3.41 -15.35
C ALA A 230 1.74 4.28 -14.24
N ASP A 231 0.87 5.05 -13.54
CA ASP A 231 1.39 5.83 -12.40
C ASP A 231 1.88 4.92 -11.28
N LEU A 232 1.15 3.85 -10.97
CA LEU A 232 1.59 3.01 -9.88
C LEU A 232 2.89 2.31 -10.19
N LEU A 233 3.09 1.94 -11.47
CA LEU A 233 4.35 1.36 -11.86
C LEU A 233 5.48 2.39 -11.72
N LYS A 234 5.22 3.65 -12.04
CA LYS A 234 6.21 4.71 -11.85
CA LYS A 234 6.21 4.71 -11.84
C LYS A 234 6.64 4.79 -10.36
N PHE A 235 5.69 4.68 -9.46
CA PHE A 235 6.00 4.67 -8.02
C PHE A 235 6.88 3.45 -7.71
N VAL A 236 6.50 2.30 -8.23
CA VAL A 236 7.38 1.13 -8.12
C VAL A 236 8.76 1.38 -8.66
N GLU A 237 8.87 2.05 -9.79
CA GLU A 237 10.19 2.29 -10.37
CA GLU A 237 10.20 2.27 -10.36
C GLU A 237 11.02 3.18 -9.44
N ALA A 238 10.35 4.12 -8.73
CA ALA A 238 11.08 4.97 -7.79
C ALA A 238 11.61 4.07 -6.62
N ASN A 239 10.91 3.00 -6.33
CA ASN A 239 11.36 2.06 -5.28
C ASN A 239 12.44 1.09 -5.76
N MET A 240 12.61 1.00 -7.08
CA MET A 240 13.57 0.04 -7.63
C MET A 240 14.92 0.68 -7.65
N GLY A 241 14.94 2.00 -7.75
CA GLY A 241 16.17 2.73 -7.84
C GLY A 241 15.72 4.12 -8.17
N TYR A 242 15.99 5.06 -7.27
CA TYR A 242 15.53 6.43 -7.47
C TYR A 242 16.75 7.29 -7.42
N GLN A 243 16.84 8.19 -8.38
CA GLN A 243 17.94 9.12 -8.43
C GLN A 243 17.32 10.48 -8.55
N GLY A 244 17.70 11.37 -7.65
CA GLY A 244 17.19 12.73 -7.70
C GLY A 244 17.23 13.41 -6.37
N ASP A 245 16.07 13.88 -5.95
CA ASP A 245 15.91 14.63 -4.71
C ASP A 245 16.43 13.74 -3.58
N ALA A 246 17.49 14.18 -2.90
CA ALA A 246 18.13 13.39 -1.86
C ALA A 246 17.15 13.05 -0.75
N ALA A 247 16.26 13.97 -0.44
CA ALA A 247 15.32 13.77 0.65
C ALA A 247 14.32 12.68 0.29
N LEU A 248 13.81 12.73 -0.93
CA LEU A 248 12.89 11.71 -1.40
C LEU A 248 13.61 10.36 -1.52
N LYS A 249 14.82 10.35 -2.04
CA LYS A 249 15.59 9.10 -2.03
C LYS A 249 15.74 8.47 -0.64
N SER A 250 16.12 9.27 0.36
CA SER A 250 16.19 8.82 1.73
C SER A 250 14.86 8.33 2.27
N ALA A 251 13.80 9.01 1.91
CA ALA A 251 12.48 8.61 2.37
C ALA A 251 12.06 7.26 1.82
N ILE A 252 12.31 7.10 0.52
CA ILE A 252 12.00 5.81 -0.13
C ILE A 252 12.86 4.74 0.57
N ALA A 253 14.15 5.02 0.77
CA ALA A 253 15.00 4.02 1.43
C ALA A 253 14.47 3.64 2.81
N LEU A 254 13.93 4.60 3.53
CA LEU A 254 13.41 4.34 4.82
C LEU A 254 12.19 3.40 4.82
N THR A 255 11.40 3.40 3.74
CA THR A 255 10.32 2.43 3.57
C THR A 255 10.81 1.02 3.31
N HIS A 256 12.11 0.84 3.04
CA HIS A 256 12.70 -0.49 2.87
C HIS A 256 13.40 -0.98 4.14
N THR A 257 13.19 -0.28 5.25
CA THR A 257 13.74 -0.70 6.55
C THR A 257 12.78 -1.63 7.22
N GLY A 258 13.29 -2.72 7.77
CA GLY A 258 12.51 -3.69 8.49
C GLY A 258 12.56 -3.43 10.00
N PHE A 259 11.39 -3.53 10.63
CA PHE A 259 11.23 -3.26 12.05
C PHE A 259 10.94 -4.50 12.87
N HIS A 260 10.26 -5.49 12.31
CA HIS A 260 9.99 -6.74 13.02
C HIS A 260 9.47 -7.71 11.96
N SER A 261 9.35 -8.97 12.26
CA SER A 261 8.80 -9.97 11.34
C SER A 261 7.66 -10.78 11.98
N VAL A 262 6.76 -11.29 11.16
CA VAL A 262 5.80 -12.31 11.53
C VAL A 262 6.02 -13.42 10.54
N GLY A 263 6.58 -14.52 11.03
CA GLY A 263 6.98 -15.62 10.18
C GLY A 263 8.01 -15.14 9.17
N GLU A 264 7.77 -15.39 7.90
CA GLU A 264 8.70 -15.03 6.83
C GLU A 264 8.44 -13.63 6.29
N MET A 265 7.48 -12.86 6.84
CA MET A 265 7.17 -11.52 6.39
C MET A 265 7.83 -10.53 7.31
N THR A 266 8.53 -9.55 6.78
CA THR A 266 9.14 -8.44 7.52
C THR A 266 8.42 -7.16 7.24
N GLN A 267 7.98 -6.53 8.33
CA GLN A 267 7.23 -5.29 8.25
C GLN A 267 8.10 -4.07 8.19
N GLY A 268 7.93 -3.30 7.09
CA GLY A 268 8.55 -2.01 6.97
C GLY A 268 7.56 -0.88 7.12
N LEU A 269 7.94 0.33 6.67
CA LEU A 269 6.99 1.44 6.54
C LEU A 269 6.19 1.26 5.29
N GLY A 270 4.95 0.85 5.36
CA GLY A 270 4.16 0.62 4.18
C GLY A 270 4.41 -0.75 3.59
N TRP A 271 5.59 -0.93 3.01
CA TRP A 271 5.91 -2.21 2.34
C TRP A 271 6.13 -3.35 3.33
N GLU A 272 5.66 -4.54 2.96
CA GLU A 272 5.96 -5.76 3.65
C GLU A 272 6.91 -6.55 2.75
N SER A 273 7.91 -7.25 3.27
CA SER A 273 8.91 -7.90 2.41
C SER A 273 9.23 -9.31 2.80
N TYR A 274 9.81 -9.99 1.82
CA TYR A 274 10.20 -11.38 1.90
C TYR A 274 11.59 -11.55 1.32
N ASP A 275 12.22 -12.65 1.63
CA ASP A 275 13.34 -13.13 0.87
C ASP A 275 13.01 -13.22 -0.63
N TYR A 276 14.05 -13.23 -1.45
CA TYR A 276 13.85 -13.44 -2.87
C TYR A 276 15.02 -14.24 -3.45
N PRO A 277 14.71 -15.31 -4.21
CA PRO A 277 13.43 -15.96 -4.48
C PRO A 277 12.62 -16.28 -3.23
N VAL A 278 11.32 -16.43 -3.44
CA VAL A 278 10.41 -16.78 -2.36
C VAL A 278 9.38 -17.78 -2.94
N THR A 279 9.01 -18.79 -2.19
CA THR A 279 8.02 -19.73 -2.71
C THR A 279 6.60 -19.14 -2.69
N GLU A 280 5.77 -19.71 -3.56
CA GLU A 280 4.37 -19.34 -3.57
C GLU A 280 3.76 -19.60 -2.22
N GLN A 281 4.08 -20.68 -1.56
CA GLN A 281 3.45 -21.06 -0.29
C GLN A 281 3.76 -19.99 0.79
N VAL A 282 5.00 -19.55 0.80
CA VAL A 282 5.36 -18.50 1.77
C VAL A 282 4.66 -17.18 1.50
N LEU A 283 4.61 -16.79 0.25
CA LEU A 283 3.97 -15.56 -0.10
C LEU A 283 2.46 -15.59 0.18
N LEU A 284 1.83 -16.73 -0.05
CA LEU A 284 0.43 -16.90 0.34
C LEU A 284 0.24 -16.80 1.83
N ALA A 285 1.10 -17.48 2.59
CA ALA A 285 0.95 -17.48 4.06
C ALA A 285 1.11 -16.07 4.65
N GLY A 286 2.07 -15.33 4.13
CA GLY A 286 2.36 -14.01 4.64
C GLY A 286 1.24 -13.02 4.38
N ASN A 287 0.44 -13.33 3.34
CA ASN A 287 -0.66 -12.50 2.93
C ASN A 287 -2.01 -13.04 3.33
N SER A 288 -2.00 -14.11 4.11
CA SER A 288 -3.23 -14.77 4.54
C SER A 288 -3.88 -14.04 5.71
N PRO A 289 -5.19 -14.24 5.94
CA PRO A 289 -5.79 -13.50 7.06
C PRO A 289 -5.12 -13.69 8.41
N ALA A 290 -4.64 -14.91 8.66
CA ALA A 290 -4.09 -15.23 9.96
C ALA A 290 -2.88 -14.36 10.26
N VAL A 291 -2.12 -14.06 9.23
CA VAL A 291 -0.86 -13.37 9.44
C VAL A 291 -1.10 -11.94 9.17
N SER A 292 -1.75 -11.65 8.06
CA SER A 292 -1.77 -10.28 7.59
C SER A 292 -2.73 -9.40 8.39
N PHE A 293 -3.86 -9.97 8.76
CA PHE A 293 -4.96 -9.17 9.31
C PHE A 293 -5.40 -9.45 10.75
N GLN A 294 -4.83 -10.46 11.41
CA GLN A 294 -5.15 -10.81 12.81
C GLN A 294 -3.92 -10.50 13.72
N ALA A 295 -4.06 -10.52 15.05
CA ALA A 295 -2.93 -10.19 15.92
C ALA A 295 -1.92 -11.30 15.98
N ASN A 296 -0.63 -10.97 15.86
CA ASN A 296 0.44 -11.95 15.95
C ASN A 296 1.52 -11.37 16.82
N PRO A 297 2.17 -12.22 17.63
CA PRO A 297 3.37 -11.74 18.32
C PRO A 297 4.48 -11.58 17.27
N VAL A 298 5.31 -10.55 17.42
CA VAL A 298 6.34 -10.33 16.43
C VAL A 298 7.65 -10.87 16.87
N THR A 299 8.54 -11.13 15.90
CA THR A 299 9.95 -11.30 16.15
C THR A 299 10.54 -9.92 16.06
N ARG A 300 10.95 -9.36 17.18
CA ARG A 300 11.49 -8.02 17.28
C ARG A 300 12.90 -7.96 16.69
N PHE A 301 13.25 -6.90 16.01
CA PHE A 301 14.62 -6.73 15.51
C PHE A 301 15.38 -5.98 16.59
N ALA A 302 16.64 -6.32 16.80
CA ALA A 302 17.45 -5.57 17.76
C ALA A 302 17.43 -4.07 17.46
N VAL A 303 17.58 -3.74 16.18
CA VAL A 303 17.50 -2.36 15.67
C VAL A 303 16.88 -2.48 14.29
N PRO A 304 16.16 -1.45 13.85
CA PRO A 304 15.62 -1.53 12.50
C PRO A 304 16.74 -1.62 11.47
N LYS A 305 16.45 -2.38 10.42
CA LYS A 305 17.49 -2.76 9.47
CA LYS A 305 17.49 -2.76 9.45
C LYS A 305 17.06 -2.48 8.03
N ALA A 306 17.95 -1.87 7.24
CA ALA A 306 17.71 -1.74 5.81
C ALA A 306 17.62 -3.17 5.23
N MET A 307 16.56 -3.49 4.52
CA MET A 307 16.41 -4.86 4.04
C MET A 307 17.10 -5.06 2.71
N GLY A 308 17.35 -3.99 1.93
CA GLY A 308 18.20 -4.11 0.74
C GLY A 308 17.45 -4.55 -0.48
N GLU A 309 18.19 -4.79 -1.52
CA GLU A 309 17.64 -4.99 -2.86
C GLU A 309 17.20 -6.42 -3.17
N GLN A 310 17.78 -7.36 -2.46
CA GLN A 310 17.46 -8.79 -2.67
C GLN A 310 16.23 -9.20 -1.81
N ARG A 311 15.09 -8.63 -2.14
CA ARG A 311 13.87 -8.81 -1.35
C ARG A 311 12.74 -8.70 -2.30
N LEU A 312 11.67 -9.42 -2.01
CA LEU A 312 10.39 -9.13 -2.64
C LEU A 312 9.54 -8.24 -1.73
N TYR A 313 9.38 -6.97 -2.12
CA TYR A 313 8.49 -6.01 -1.42
C TYR A 313 7.11 -6.12 -2.00
N ASN A 314 6.09 -6.06 -1.16
CA ASN A 314 4.73 -6.19 -1.66
C ASN A 314 3.66 -5.49 -0.83
N LYS A 315 2.48 -5.29 -1.39
CA LYS A 315 1.34 -4.89 -0.61
C LYS A 315 0.10 -5.30 -1.33
N THR A 316 -0.85 -5.78 -0.57
CA THR A 316 -2.21 -5.98 -1.07
C THR A 316 -3.11 -4.79 -0.69
N GLY A 317 -4.20 -4.58 -1.41
CA GLY A 317 -5.19 -3.61 -0.93
C GLY A 317 -6.50 -3.86 -1.60
N SER A 318 -7.54 -3.53 -0.83
CA SER A 318 -8.87 -3.70 -1.30
C SER A 318 -9.83 -2.63 -0.75
N THR A 319 -10.90 -2.35 -1.52
CA THR A 319 -12.01 -1.56 -1.01
C THR A 319 -13.23 -2.36 -1.34
N GLY A 320 -14.39 -1.79 -1.03
CA GLY A 320 -15.58 -2.54 -1.33
C GLY A 320 -15.71 -3.05 -2.74
N GLY A 321 -15.24 -2.28 -3.72
CA GLY A 321 -15.39 -2.67 -5.12
C GLY A 321 -14.09 -2.96 -5.87
N PHE A 322 -12.93 -2.88 -5.21
CA PHE A 322 -11.65 -2.95 -5.91
C PHE A 322 -10.68 -3.88 -5.20
N GLY A 323 -9.75 -4.43 -5.98
CA GLY A 323 -8.73 -5.34 -5.47
C GLY A 323 -7.41 -5.16 -6.21
N ALA A 324 -6.41 -4.76 -5.45
CA ALA A 324 -5.11 -4.40 -6.00
C ALA A 324 -3.97 -5.26 -5.39
N TYR A 325 -2.86 -5.41 -6.10
CA TYR A 325 -1.65 -6.06 -5.61
C TYR A 325 -0.45 -5.48 -6.31
N VAL A 326 0.60 -5.24 -5.54
CA VAL A 326 1.85 -4.79 -6.15
C VAL A 326 3.00 -5.59 -5.50
N ALA A 327 4.01 -5.95 -6.30
CA ALA A 327 5.23 -6.64 -5.76
C ALA A 327 6.41 -6.26 -6.65
N PHE A 328 7.58 -6.12 -6.04
CA PHE A 328 8.75 -5.81 -6.84
C PHE A 328 9.99 -6.31 -6.14
N VAL A 329 11.03 -6.49 -6.93
CA VAL A 329 12.32 -7.04 -6.49
C VAL A 329 13.39 -6.14 -7.05
N PRO A 330 13.92 -5.18 -6.25
CA PRO A 330 14.83 -4.19 -6.83
C PRO A 330 16.09 -4.81 -7.49
N ALA A 331 16.72 -5.79 -6.87
CA ALA A 331 17.96 -6.34 -7.39
C ALA A 331 17.73 -6.95 -8.75
N ARG A 332 16.57 -7.52 -8.99
CA ARG A 332 16.32 -8.33 -10.14
C ARG A 332 15.69 -7.57 -11.27
N GLY A 333 15.22 -6.35 -11.01
CA GLY A 333 14.66 -5.53 -12.06
C GLY A 333 13.26 -5.95 -12.46
N ILE A 334 12.55 -6.64 -11.56
CA ILE A 334 11.24 -7.17 -11.90
C ILE A 334 10.15 -6.60 -10.98
N ALA A 335 8.93 -6.46 -11.46
CA ALA A 335 7.82 -5.99 -10.68
C ALA A 335 6.54 -6.34 -11.36
N ILE A 336 5.45 -6.27 -10.58
CA ILE A 336 4.11 -6.44 -11.07
C ILE A 336 3.12 -5.55 -10.32
N VAL A 337 2.22 -4.92 -11.07
CA VAL A 337 1.08 -4.18 -10.58
C VAL A 337 -0.14 -4.82 -11.17
N MET A 338 -1.18 -5.06 -10.35
CA MET A 338 -2.41 -5.64 -10.86
C MET A 338 -3.54 -4.88 -10.18
N LEU A 339 -4.32 -4.13 -10.93
CA LEU A 339 -5.41 -3.32 -10.38
C LEU A 339 -6.71 -3.76 -11.02
N ALA A 340 -7.67 -4.09 -10.17
CA ALA A 340 -8.97 -4.59 -10.62
C ALA A 340 -10.15 -3.86 -9.95
N ASN A 341 -11.28 -3.87 -10.63
CA ASN A 341 -12.49 -3.27 -10.08
C ASN A 341 -13.45 -4.36 -9.59
N ARG A 342 -12.87 -5.35 -8.91
CA ARG A 342 -13.59 -6.24 -8.02
C ARG A 342 -12.66 -6.59 -6.88
N ASN A 343 -13.19 -6.71 -5.67
CA ASN A 343 -12.39 -7.17 -4.53
C ASN A 343 -12.41 -8.71 -4.54
N TYR A 344 -11.48 -9.29 -5.30
CA TYR A 344 -11.42 -10.73 -5.51
C TYR A 344 -10.27 -11.32 -4.64
N PRO A 345 -10.26 -12.64 -4.46
CA PRO A 345 -9.46 -13.17 -3.34
C PRO A 345 -7.96 -12.89 -3.47
N ILE A 346 -7.37 -12.48 -2.35
CA ILE A 346 -5.94 -12.23 -2.26
C ILE A 346 -5.12 -13.46 -2.66
N GLU A 347 -5.62 -14.65 -2.35
CA GLU A 347 -4.92 -15.86 -2.74
C GLU A 347 -4.75 -15.94 -4.26
N ALA A 348 -5.79 -15.52 -5.01
CA ALA A 348 -5.73 -15.53 -6.47
C ALA A 348 -4.75 -14.46 -6.96
N ARG A 349 -4.72 -13.30 -6.32
CA ARG A 349 -3.80 -12.25 -6.64
C ARG A 349 -2.36 -12.74 -6.51
N VAL A 350 -2.10 -13.39 -5.38
CA VAL A 350 -0.75 -13.84 -5.09
C VAL A 350 -0.28 -14.96 -5.99
N LYS A 351 -1.16 -15.92 -6.30
CA LYS A 351 -0.78 -17.00 -7.20
C LYS A 351 -0.48 -16.47 -8.60
N ALA A 352 -1.32 -15.56 -9.10
CA ALA A 352 -1.10 -15.01 -10.40
C ALA A 352 0.18 -14.19 -10.40
N ALA A 353 0.41 -13.36 -9.42
CA ALA A 353 1.60 -12.54 -9.37
C ALA A 353 2.87 -13.38 -9.28
N HIS A 354 2.83 -14.45 -8.48
CA HIS A 354 4.00 -15.29 -8.37
C HIS A 354 4.36 -15.95 -9.70
N ALA A 355 3.35 -16.45 -10.40
CA ALA A 355 3.57 -17.08 -11.71
C ALA A 355 4.16 -16.10 -12.71
N ILE A 356 3.64 -14.88 -12.73
CA ILE A 356 4.17 -13.88 -13.64
C ILE A 356 5.59 -13.45 -13.27
N LEU A 357 5.82 -13.23 -12.00
CA LEU A 357 7.14 -12.88 -11.51
C LEU A 357 8.16 -13.97 -11.84
N SER A 358 7.74 -15.22 -11.82
CA SER A 358 8.67 -16.29 -12.20
C SER A 358 9.07 -16.21 -13.68
N GLN A 359 8.13 -15.87 -14.58
CA GLN A 359 8.49 -15.60 -15.96
C GLN A 359 9.36 -14.34 -16.12
N LEU A 360 9.06 -13.26 -15.41
CA LEU A 360 9.88 -12.07 -15.48
C LEU A 360 11.30 -12.33 -15.08
N ALA A 361 11.49 -13.25 -14.16
CA ALA A 361 12.80 -13.59 -13.63
C ALA A 361 13.67 -14.38 -14.63
N GLU A 362 13.06 -14.93 -15.68
CA GLU A 362 13.82 -15.73 -16.65
C GLU A 362 14.80 -14.88 -17.48
C 1S7 B . -7.69 -1.95 6.68
N 1S7 B . -8.64 -1.84 3.81
O 1S7 B . -6.94 -1.99 5.45
S 1S7 B . -11.69 0.57 4.85
C1 1S7 B . -7.45 -2.61 4.24
O1 1S7 B . -7.64 0.13 3.53
S1 1S7 B . -6.66 -4.93 5.26
C2 1S7 B . -8.63 -0.57 3.43
N2 1S7 B . -9.21 -3.80 5.09
C3 1S7 B . -9.93 -0.03 2.80
C4 1S7 B . -11.18 -0.47 3.54
O4 1S7 B . -6.92 -2.95 1.99
C5 1S7 B . -11.98 -1.59 3.37
O5 1S7 B . -11.97 -5.30 5.46
C6 1S7 B . -13.05 -1.62 4.30
O6 1S7 B . -11.20 -4.58 7.38
C7 1S7 B . -13.02 -0.52 5.14
C8 1S7 B . -7.95 -4.11 4.42
C9 1S7 B . -7.59 -6.42 4.99
C10 1S7 B . -8.91 -6.21 5.70
C11 1S7 B . -9.44 -7.19 6.44
C13 1S7 B . -9.65 -4.89 5.60
C14 1S7 B . -6.44 -2.28 3.14
C15 1S7 B . -11.01 -4.91 6.18
H 1S7 B . -7.82 -0.95 6.98
HA 1S7 B . -8.64 -2.40 6.53
HB 1S7 B . -7.15 -2.47 7.43
HN 1S7 B . -9.50 -2.37 3.72
H3 1S7 B . -9.88 1.05 2.78
H3A 1S7 B . -9.97 -0.37 1.76
H5 1S7 B . -11.81 -2.35 2.62
H6 1S7 B . -13.79 -2.40 4.34
H7 1S7 B . -13.67 -0.22 5.96
H8 1S7 B . -8.12 -4.56 3.43
H9 1S7 B . -7.75 -6.59 3.93
H9A 1S7 B . -7.06 -7.27 5.42
H11 1S7 B . -10.37 -7.54 5.98
H11A 1S7 B . -8.75 -8.04 6.47
ZN ZN C . 6.23 -6.14 -23.84
ZN ZN D . 13.64 -21.12 -15.52
ZN ZN E . -22.16 9.43 13.14
ZN ZN F . -4.66 16.45 14.16
ZN ZN G . 1.40 16.78 -11.52
NA NA H . -5.33 13.84 8.42
ZN ZN I . 15.83 -0.27 -0.59
#